data_3KQ5
#
_entry.id   3KQ5
#
_cell.length_a   124.245
_cell.length_b   41.375
_cell.length_c   85.401
_cell.angle_alpha   90.000
_cell.angle_beta   115.610
_cell.angle_gamma   90.000
#
_symmetry.space_group_name_H-M   'C 1 2 1'
#
loop_
_entity.id
_entity.type
_entity.pdbx_description
1 polymer 'Hypothetical cytosolic protein'
2 water water
#
_entity_poly.entity_id   1
_entity_poly.type   'polypeptide(L)'
_entity_poly.pdbx_seq_one_letter_code
;SLTSKNQFYKPGMLVPVFSAAGLLKNGRYQFLLQQIETLSLLPTEQYAQLYEALVYRFVEFVQVLPIRLDEPLCSLMNEG
LLRGVNSLNHYIQNHPEATPLERYALFSAGLLLEVAHAVVNQKIFITDEEGNFIKQWNPFSGPLIDDVETKHYKIMPLSS
YYQRNIPSITPILVRQLLPDEGFLWLTSDMRVFSDWMQALRDDEGEGGGRFEHVLQLFKHKNIDGLFNTLPALPVNLQDS
PATAHADAFLNWLKEALATNQIKVNTSDAGVHVIPEGVFLEKTGIFKQYIDLHVNVPVNLFTVYQQFGNLFGLTKLSGID
YRFEQLFSEYPDALKRKSKMGFAGLIGIRRASPTREGVLIADPNLIFTRGEIPSATSYLKLSSAQKSQNIPMT
;
_entity_poly.pdbx_strand_id   A
#
# COMPACT_ATOMS: atom_id res chain seq x y z
N ASN A 6 -1.50 5.28 -19.84
CA ASN A 6 -1.26 5.39 -18.36
C ASN A 6 -2.53 5.54 -17.56
N GLN A 7 -2.69 4.63 -16.61
CA GLN A 7 -3.91 4.46 -15.83
C GLN A 7 -3.58 4.78 -14.37
N PHE A 8 -4.52 5.41 -13.68
CA PHE A 8 -4.34 5.82 -12.32
C PHE A 8 -5.45 5.18 -11.52
N TYR A 9 -5.21 4.99 -10.23
CA TYR A 9 -6.21 4.40 -9.36
C TYR A 9 -7.21 5.47 -9.00
N LYS A 10 -8.49 5.11 -9.01
CA LYS A 10 -9.55 5.99 -8.55
C LYS A 10 -9.97 5.55 -7.14
N PRO A 11 -9.93 6.47 -6.13
CA PRO A 11 -10.31 6.09 -4.78
C PRO A 11 -11.60 5.32 -4.77
N GLY A 12 -11.59 4.11 -4.20
CA GLY A 12 -12.81 3.33 -4.00
C GLY A 12 -13.14 2.24 -5.03
N MET A 13 -12.37 2.13 -6.10
CA MET A 13 -12.64 1.11 -7.09
C MET A 13 -11.93 -0.17 -6.72
N LEU A 14 -12.42 -1.26 -7.26
CA LEU A 14 -11.84 -2.57 -7.02
C LEU A 14 -10.84 -2.96 -8.12
N VAL A 15 -9.72 -3.53 -7.68
CA VAL A 15 -8.62 -3.95 -8.53
C VAL A 15 -8.61 -5.46 -8.60
N PRO A 16 -8.43 -6.02 -9.80
CA PRO A 16 -8.36 -7.47 -9.81
C PRO A 16 -6.96 -7.91 -9.39
N VAL A 17 -6.86 -9.16 -8.92
CA VAL A 17 -5.62 -9.74 -8.54
C VAL A 17 -5.14 -10.53 -9.75
N PHE A 18 -3.84 -10.52 -9.98
CA PHE A 18 -3.25 -11.20 -11.11
C PHE A 18 -2.22 -12.17 -10.56
N SER A 19 -1.88 -13.15 -11.36
CA SER A 19 -0.82 -14.08 -11.05
C SER A 19 0.41 -13.47 -11.67
N ALA A 20 1.61 -13.82 -11.18
CA ALA A 20 2.84 -13.33 -11.81
C ALA A 20 2.90 -13.77 -13.27
N ALA A 21 2.42 -14.96 -13.59
CA ALA A 21 2.39 -15.38 -15.00
C ALA A 21 1.55 -14.39 -15.81
N GLY A 22 0.42 -13.96 -15.26
CA GLY A 22 -0.47 -13.04 -15.95
C GLY A 22 0.17 -11.67 -16.12
N LEU A 23 0.93 -11.21 -15.13
CA LEU A 23 1.56 -9.88 -15.22
C LEU A 23 2.79 -9.89 -16.13
N LEU A 24 3.41 -11.05 -16.29
CA LEU A 24 4.65 -11.15 -17.10
C LEU A 24 4.51 -11.72 -18.53
N LYS A 25 3.27 -11.81 -19.02
CA LYS A 25 3.00 -12.50 -20.29
C LYS A 25 3.44 -11.75 -21.53
N ASN A 26 3.56 -10.43 -21.46
CA ASN A 26 3.93 -9.66 -22.62
C ASN A 26 5.33 -9.99 -23.04
N GLY A 27 5.57 -10.06 -24.34
CA GLY A 27 6.87 -10.36 -24.90
C GLY A 27 7.99 -9.50 -24.39
N ARG A 28 7.72 -8.23 -24.05
CA ARG A 28 8.78 -7.38 -23.57
C ARG A 28 9.35 -7.84 -22.23
N TYR A 29 8.49 -8.31 -21.32
CA TYR A 29 8.96 -8.83 -20.04
C TYR A 29 9.72 -10.15 -20.24
N GLN A 30 9.29 -10.98 -21.20
CA GLN A 30 9.98 -12.27 -21.43
C GLN A 30 11.36 -12.06 -22.10
N PHE A 31 11.45 -11.02 -22.95
CA PHE A 31 12.73 -10.61 -23.52
C PHE A 31 13.69 -10.02 -22.46
N LEU A 32 13.15 -9.26 -21.54
CA LEU A 32 13.96 -8.76 -20.41
C LEU A 32 14.53 -9.93 -19.59
N LEU A 33 13.71 -10.93 -19.28
CA LEU A 33 14.18 -12.10 -18.54
C LEU A 33 15.26 -12.85 -19.29
N GLN A 34 15.08 -12.99 -20.61
CA GLN A 34 16.07 -13.64 -21.44
CA GLN A 34 16.10 -13.67 -21.43
C GLN A 34 17.40 -12.87 -21.39
N GLN A 35 17.33 -11.52 -21.43
CA GLN A 35 18.55 -10.68 -21.38
C GLN A 35 19.27 -10.71 -20.02
N ILE A 36 18.47 -10.65 -18.97
CA ILE A 36 18.96 -10.90 -17.62
C ILE A 36 19.66 -12.25 -17.54
N GLU A 37 19.06 -13.32 -18.06
CA GLU A 37 19.78 -14.60 -17.98
C GLU A 37 21.19 -14.48 -18.58
N THR A 38 21.29 -13.86 -19.75
CA THR A 38 22.59 -13.70 -20.42
C THR A 38 23.53 -12.83 -19.57
N LEU A 39 23.03 -11.74 -19.00
CA LEU A 39 23.89 -10.93 -18.12
C LEU A 39 24.31 -11.66 -16.83
N SER A 40 23.52 -12.68 -16.41
CA SER A 40 23.73 -13.32 -15.11
C SER A 40 25.02 -14.12 -14.96
N LEU A 41 25.49 -14.64 -16.10
CA LEU A 41 26.61 -15.54 -16.21
C LEU A 41 26.29 -16.86 -15.57
N LEU A 42 25.02 -17.16 -15.28
CA LEU A 42 24.68 -18.40 -14.62
C LEU A 42 24.14 -19.39 -15.61
N PRO A 43 24.34 -20.71 -15.33
CA PRO A 43 23.58 -21.70 -16.05
C PRO A 43 22.10 -21.43 -15.90
N THR A 44 21.29 -22.02 -16.76
CA THR A 44 19.82 -21.93 -16.70
C THR A 44 19.15 -22.39 -15.40
N GLU A 45 19.65 -23.46 -14.77
CA GLU A 45 19.02 -23.95 -13.51
C GLU A 45 19.13 -22.88 -12.41
N GLN A 46 20.30 -22.26 -12.34
CA GLN A 46 20.60 -21.31 -11.30
C GLN A 46 19.97 -19.92 -11.58
N TYR A 47 20.00 -19.47 -12.84
CA TYR A 47 19.26 -18.27 -13.23
C TYR A 47 17.77 -18.39 -12.83
N ALA A 48 17.16 -19.54 -13.11
CA ALA A 48 15.76 -19.82 -12.75
C ALA A 48 15.49 -19.78 -11.25
N GLN A 49 16.37 -20.41 -10.48
CA GLN A 49 16.32 -20.43 -9.04
C GLN A 49 16.49 -19.04 -8.41
N LEU A 50 17.46 -18.27 -8.93
CA LEU A 50 17.86 -17.05 -8.30
C LEU A 50 17.19 -15.82 -8.86
N TYR A 51 17.19 -15.66 -10.17
CA TYR A 51 16.71 -14.43 -10.80
C TYR A 51 15.24 -14.56 -11.17
N GLU A 52 14.91 -15.60 -11.90
CA GLU A 52 13.54 -15.78 -12.32
C GLU A 52 12.55 -15.91 -11.20
N ALA A 53 12.88 -16.69 -10.18
CA ALA A 53 12.05 -16.82 -8.99
C ALA A 53 11.94 -15.48 -8.24
N LEU A 54 13.04 -14.78 -8.15
CA LEU A 54 12.98 -13.44 -7.54
C LEU A 54 11.98 -12.53 -8.28
N VAL A 55 12.09 -12.38 -9.59
CA VAL A 55 11.16 -11.55 -10.35
C VAL A 55 9.70 -11.96 -10.18
N TYR A 56 9.42 -13.25 -10.35
CA TYR A 56 8.06 -13.69 -10.17
C TYR A 56 7.54 -13.39 -8.75
N ARG A 57 8.31 -13.66 -7.71
CA ARG A 57 7.85 -13.37 -6.35
C ARG A 57 7.67 -11.85 -6.12
N PHE A 58 8.54 -11.06 -6.74
CA PHE A 58 8.41 -9.57 -6.65
C PHE A 58 7.12 -9.08 -7.28
N VAL A 59 6.86 -9.48 -8.51
CA VAL A 59 5.67 -9.04 -9.24
CA VAL A 59 5.67 -8.99 -9.21
C VAL A 59 4.37 -9.48 -8.54
N GLU A 60 4.35 -10.73 -8.05
CA GLU A 60 3.21 -11.27 -7.32
C GLU A 60 2.87 -10.43 -6.11
N PHE A 61 3.94 -9.98 -5.44
CA PHE A 61 3.86 -9.21 -4.25
C PHE A 61 3.38 -7.79 -4.54
N VAL A 62 3.97 -7.05 -5.50
CA VAL A 62 3.59 -5.64 -5.72
C VAL A 62 2.38 -5.50 -6.64
N GLN A 63 2.02 -6.57 -7.36
CA GLN A 63 0.90 -6.54 -8.31
C GLN A 63 0.99 -5.27 -9.19
N VAL A 64 -0.14 -4.58 -9.42
CA VAL A 64 -0.13 -3.36 -10.26
C VAL A 64 -0.05 -2.10 -9.42
N LEU A 65 0.39 -2.21 -8.18
CA LEU A 65 0.43 -1.05 -7.33
C LEU A 65 1.36 -0.01 -7.95
N PRO A 66 0.98 1.27 -7.81
CA PRO A 66 1.83 2.38 -8.25
C PRO A 66 2.96 2.68 -7.27
N ILE A 67 4.01 3.34 -7.73
CA ILE A 67 5.08 3.67 -6.80
C ILE A 67 4.57 4.60 -5.68
N ARG A 68 3.69 5.51 -6.06
CA ARG A 68 3.06 6.48 -5.18
C ARG A 68 1.64 6.62 -5.73
N LEU A 69 0.71 7.05 -4.90
CA LEU A 69 -0.70 6.97 -5.29
C LEU A 69 -1.11 7.89 -6.44
N ASP A 70 -0.31 8.92 -6.72
CA ASP A 70 -0.57 9.75 -7.88
C ASP A 70 0.25 9.31 -9.11
N GLU A 71 0.82 8.11 -9.09
CA GLU A 71 1.56 7.57 -10.23
C GLU A 71 0.78 6.46 -10.95
N PRO A 72 1.20 6.10 -12.18
CA PRO A 72 0.45 5.12 -12.92
C PRO A 72 0.49 3.74 -12.29
N LEU A 73 -0.64 3.05 -12.41
CA LEU A 73 -0.65 1.61 -12.15
C LEU A 73 0.50 0.91 -12.88
N CYS A 74 0.98 -0.20 -12.27
CA CYS A 74 2.13 -0.99 -12.74
C CYS A 74 3.47 -0.27 -12.57
N SER A 75 3.50 0.96 -12.04
CA SER A 75 4.77 1.66 -11.97
C SER A 75 5.78 1.04 -10.97
N LEU A 76 5.29 0.39 -9.90
CA LEU A 76 6.14 -0.24 -8.91
C LEU A 76 6.88 -1.39 -9.56
N MET A 77 6.16 -2.32 -10.17
CA MET A 77 6.82 -3.42 -10.84
C MET A 77 7.69 -2.98 -12.03
N ASN A 78 7.21 -2.03 -12.84
CA ASN A 78 7.97 -1.66 -14.06
C ASN A 78 9.24 -0.87 -13.76
N GLU A 79 9.17 0.10 -12.85
CA GLU A 79 10.38 0.81 -12.43
C GLU A 79 11.37 -0.13 -11.74
N GLY A 80 10.85 -1.14 -11.03
CA GLY A 80 11.75 -2.10 -10.41
C GLY A 80 12.50 -2.86 -11.48
N LEU A 81 11.76 -3.36 -12.48
CA LEU A 81 12.36 -4.22 -13.46
C LEU A 81 13.38 -3.44 -14.33
N LEU A 82 13.02 -2.23 -14.72
CA LEU A 82 13.90 -1.35 -15.49
C LEU A 82 15.16 -0.99 -14.71
N ARG A 83 15.00 -0.61 -13.44
CA ARG A 83 16.12 -0.25 -12.62
C ARG A 83 17.06 -1.41 -12.51
N GLY A 84 16.51 -2.60 -12.30
CA GLY A 84 17.32 -3.79 -12.20
C GLY A 84 18.09 -4.14 -13.46
N VAL A 85 17.41 -4.17 -14.60
CA VAL A 85 18.04 -4.66 -15.84
C VAL A 85 18.97 -3.57 -16.37
N ASN A 86 18.55 -2.33 -16.28
CA ASN A 86 19.34 -1.23 -16.86
C ASN A 86 20.55 -0.89 -16.02
N SER A 87 20.40 -0.80 -14.69
CA SER A 87 21.59 -0.69 -13.84
C SER A 87 22.60 -1.83 -14.04
N LEU A 88 22.11 -3.06 -14.07
CA LEU A 88 22.98 -4.22 -14.27
C LEU A 88 23.71 -4.18 -15.62
N ASN A 89 23.00 -3.81 -16.68
CA ASN A 89 23.65 -3.64 -17.97
C ASN A 89 24.72 -2.52 -17.94
N HIS A 90 24.37 -1.40 -17.35
CA HIS A 90 25.33 -0.30 -17.32
C HIS A 90 26.58 -0.61 -16.47
N TYR A 91 26.39 -1.07 -15.25
CA TYR A 91 27.45 -1.55 -14.42
C TYR A 91 28.40 -2.53 -15.13
N ILE A 92 27.86 -3.54 -15.80
CA ILE A 92 28.69 -4.54 -16.49
C ILE A 92 29.52 -3.87 -17.60
N GLN A 93 28.88 -2.95 -18.33
CA GLN A 93 29.60 -2.28 -19.37
CA GLN A 93 29.52 -2.09 -19.33
C GLN A 93 30.79 -1.48 -18.75
N ASN A 94 30.67 -0.93 -17.54
CA ASN A 94 31.81 -0.27 -16.88
C ASN A 94 32.82 -1.22 -16.18
N HIS A 95 32.35 -2.41 -15.78
CA HIS A 95 33.10 -3.38 -15.00
C HIS A 95 32.85 -4.76 -15.62
N PRO A 96 33.55 -5.06 -16.73
CA PRO A 96 33.34 -6.36 -17.43
C PRO A 96 33.71 -7.60 -16.59
N GLU A 97 34.53 -7.37 -15.58
CA GLU A 97 34.96 -8.39 -14.62
C GLU A 97 33.98 -8.54 -13.45
N ALA A 98 32.86 -7.83 -13.44
CA ALA A 98 31.91 -7.99 -12.34
C ALA A 98 31.57 -9.48 -12.16
N THR A 99 31.62 -9.98 -10.93
CA THR A 99 31.39 -11.41 -10.66
C THR A 99 29.92 -11.76 -10.75
N PRO A 100 29.61 -13.05 -10.84
CA PRO A 100 28.17 -13.42 -10.80
C PRO A 100 27.45 -12.90 -9.54
N LEU A 101 28.13 -12.88 -8.40
CA LEU A 101 27.47 -12.51 -7.14
C LEU A 101 27.19 -11.00 -7.18
N GLU A 102 28.16 -10.23 -7.66
CA GLU A 102 27.97 -8.76 -7.77
C GLU A 102 26.80 -8.40 -8.66
N ARG A 103 26.67 -9.14 -9.76
CA ARG A 103 25.59 -8.92 -10.71
C ARG A 103 24.24 -9.20 -10.04
N TYR A 104 24.14 -10.30 -9.31
CA TYR A 104 22.88 -10.66 -8.65
C TYR A 104 22.52 -9.61 -7.58
N ALA A 105 23.55 -9.18 -6.87
CA ALA A 105 23.42 -8.19 -5.84
C ALA A 105 22.83 -6.89 -6.41
N LEU A 106 23.38 -6.42 -7.53
CA LEU A 106 22.94 -5.16 -8.13
C LEU A 106 21.57 -5.30 -8.71
N PHE A 107 21.32 -6.40 -9.41
CA PHE A 107 20.03 -6.61 -9.98
C PHE A 107 18.94 -6.59 -8.90
N SER A 108 19.16 -7.35 -7.81
CA SER A 108 18.16 -7.51 -6.77
C SER A 108 17.96 -6.21 -6.02
N ALA A 109 19.04 -5.43 -5.87
CA ALA A 109 18.92 -4.15 -5.22
C ALA A 109 18.08 -3.19 -6.05
N GLY A 110 18.33 -3.12 -7.35
CA GLY A 110 17.58 -2.24 -8.21
C GLY A 110 16.14 -2.67 -8.29
N LEU A 111 15.92 -3.99 -8.39
CA LEU A 111 14.54 -4.46 -8.40
C LEU A 111 13.72 -4.11 -7.16
N LEU A 112 14.24 -4.39 -5.99
CA LEU A 112 13.54 -4.33 -4.69
C LEU A 112 13.63 -2.94 -4.00
N LEU A 113 14.34 -2.06 -4.60
CA LEU A 113 14.59 -0.77 -3.99
C LEU A 113 13.34 -0.13 -3.32
N GLU A 114 12.18 -0.19 -3.96
CA GLU A 114 10.99 0.49 -3.52
C GLU A 114 9.91 -0.39 -2.98
N VAL A 115 10.27 -1.62 -2.69
CA VAL A 115 9.34 -2.62 -2.29
C VAL A 115 8.55 -2.26 -1.04
N ALA A 116 9.15 -1.45 -0.16
CA ALA A 116 8.45 -1.02 1.08
C ALA A 116 7.19 -0.15 0.78
N HIS A 117 7.09 0.42 -0.41
CA HIS A 117 5.94 1.24 -0.82
C HIS A 117 4.62 0.45 -0.79
N ALA A 118 4.72 -0.86 -1.00
CA ALA A 118 3.57 -1.79 -0.85
C ALA A 118 3.02 -1.83 0.59
N VAL A 119 3.84 -1.48 1.56
CA VAL A 119 3.44 -1.43 2.95
C VAL A 119 3.09 -0.04 3.43
N VAL A 120 3.86 0.99 3.07
CA VAL A 120 3.72 2.27 3.71
C VAL A 120 2.69 3.21 3.07
N ASN A 121 2.38 3.02 1.78
CA ASN A 121 1.61 3.98 1.07
C ASN A 121 0.12 3.73 1.22
N GLN A 122 -0.25 2.50 1.55
CA GLN A 122 -1.64 2.16 1.61
C GLN A 122 -1.85 0.89 2.38
N LYS A 123 -3.07 0.68 2.83
CA LYS A 123 -3.51 -0.63 3.27
C LYS A 123 -4.35 -1.21 2.15
N ILE A 124 -4.37 -2.53 2.05
CA ILE A 124 -5.08 -3.19 1.01
C ILE A 124 -6.18 -3.99 1.67
N PHE A 125 -7.42 -3.69 1.29
CA PHE A 125 -8.55 -4.41 1.75
C PHE A 125 -8.95 -5.46 0.69
N ILE A 126 -8.85 -6.72 1.04
CA ILE A 126 -9.38 -7.76 0.20
C ILE A 126 -10.91 -7.75 0.27
N THR A 127 -11.56 -7.74 -0.89
CA THR A 127 -13.01 -7.69 -0.97
C THR A 127 -13.61 -8.77 -1.86
N ASP A 128 -14.93 -8.91 -1.76
CA ASP A 128 -15.69 -9.73 -2.73
C ASP A 128 -15.99 -8.89 -3.99
N GLU A 129 -16.68 -9.48 -4.96
CA GLU A 129 -16.92 -8.75 -6.24
C GLU A 129 -17.78 -7.51 -6.06
N GLU A 130 -18.54 -7.45 -4.96
CA GLU A 130 -19.40 -6.29 -4.62
C GLU A 130 -18.65 -5.17 -3.86
N GLY A 131 -17.49 -5.49 -3.30
CA GLY A 131 -16.70 -4.52 -2.54
C GLY A 131 -16.79 -4.65 -1.03
N ASN A 132 -17.51 -5.67 -0.57
CA ASN A 132 -17.54 -5.97 0.86
C ASN A 132 -16.17 -6.43 1.33
N PHE A 133 -15.70 -5.80 2.41
CA PHE A 133 -14.45 -6.21 3.08
C PHE A 133 -14.54 -7.66 3.50
N ILE A 134 -13.55 -8.45 3.09
CA ILE A 134 -13.30 -9.79 3.62
C ILE A 134 -12.17 -9.87 4.67
N LYS A 135 -10.99 -9.36 4.32
CA LYS A 135 -9.89 -9.32 5.25
C LYS A 135 -8.90 -8.27 4.78
N GLN A 136 -7.95 -7.90 5.63
CA GLN A 136 -6.94 -6.87 5.32
C GLN A 136 -5.64 -7.60 4.98
N TRP A 137 -4.96 -7.20 3.91
CA TRP A 137 -3.72 -7.88 3.54
C TRP A 137 -2.63 -7.54 4.55
N ASN A 138 -1.97 -8.57 5.07
CA ASN A 138 -0.71 -8.44 5.81
C ASN A 138 0.46 -8.80 4.86
N PRO A 139 1.13 -7.78 4.33
CA PRO A 139 2.24 -8.06 3.42
C PRO A 139 3.38 -8.87 4.03
N PHE A 140 3.53 -8.85 5.35
CA PHE A 140 4.58 -9.62 5.96
C PHE A 140 4.24 -11.13 6.05
N SER A 141 3.01 -11.51 5.74
CA SER A 141 2.67 -12.97 5.74
C SER A 141 2.73 -13.60 4.37
N GLY A 142 2.98 -12.79 3.35
CA GLY A 142 3.03 -13.21 1.98
C GLY A 142 2.19 -12.41 0.99
N PRO A 143 2.32 -12.72 -0.30
CA PRO A 143 1.63 -11.97 -1.33
C PRO A 143 0.13 -12.24 -1.30
N LEU A 144 -0.64 -11.36 -1.94
CA LEU A 144 -2.10 -11.55 -2.03
C LEU A 144 -2.47 -12.94 -2.54
N ILE A 145 -1.71 -13.46 -3.51
CA ILE A 145 -2.07 -14.75 -4.15
C ILE A 145 -1.90 -16.00 -3.30
N ASP A 146 -1.27 -15.88 -2.13
CA ASP A 146 -1.23 -17.02 -1.16
C ASP A 146 -2.62 -17.60 -0.89
N ASP A 147 -3.63 -16.73 -0.84
CA ASP A 147 -5.02 -17.22 -0.71
C ASP A 147 -5.70 -17.30 -2.09
N VAL A 148 -6.05 -18.51 -2.49
CA VAL A 148 -6.44 -18.71 -3.88
C VAL A 148 -7.83 -18.07 -4.12
N GLU A 149 -8.57 -17.80 -3.06
CA GLU A 149 -9.87 -17.14 -3.16
C GLU A 149 -9.80 -15.60 -3.28
N THR A 150 -8.63 -15.00 -3.01
CA THR A 150 -8.50 -13.57 -3.13
C THR A 150 -8.53 -13.13 -4.58
N LYS A 151 -9.59 -12.43 -4.98
CA LYS A 151 -9.75 -12.02 -6.37
C LYS A 151 -9.78 -10.49 -6.59
N HIS A 152 -10.10 -9.70 -5.58
CA HIS A 152 -10.27 -8.25 -5.73
C HIS A 152 -9.81 -7.62 -4.47
N TYR A 153 -9.36 -6.35 -4.57
CA TYR A 153 -9.00 -5.60 -3.40
C TYR A 153 -9.19 -4.11 -3.60
N LYS A 154 -9.35 -3.39 -2.50
CA LYS A 154 -9.38 -1.91 -2.50
CA LYS A 154 -9.36 -1.93 -2.52
C LYS A 154 -8.03 -1.38 -2.03
N ILE A 155 -7.58 -0.28 -2.60
CA ILE A 155 -6.42 0.47 -2.08
C ILE A 155 -6.92 1.55 -1.11
N MET A 156 -6.50 1.48 0.15
CA MET A 156 -6.88 2.49 1.16
C MET A 156 -5.65 3.37 1.52
N PRO A 157 -5.58 4.60 0.98
CA PRO A 157 -4.42 5.46 1.22
C PRO A 157 -4.09 5.76 2.70
N LEU A 158 -2.80 5.86 3.00
CA LEU A 158 -2.30 6.21 4.32
C LEU A 158 -1.66 7.60 4.23
N SER A 159 -1.65 8.31 5.33
CA SER A 159 -0.81 9.54 5.47
C SER A 159 0.66 9.18 5.17
N SER A 160 1.51 10.19 5.14
CA SER A 160 2.95 10.00 4.86
C SER A 160 3.73 9.58 6.12
N TYR A 161 3.05 9.47 7.26
CA TYR A 161 3.69 9.12 8.51
C TYR A 161 4.59 7.86 8.43
N TYR A 162 4.16 6.83 7.73
CA TYR A 162 4.96 5.58 7.70
C TYR A 162 6.18 5.58 6.80
N GLN A 163 6.45 6.68 6.10
CA GLN A 163 7.62 6.72 5.20
CA GLN A 163 7.61 6.78 5.21
C GLN A 163 8.91 6.66 6.01
N ARG A 164 8.83 7.06 7.29
CA ARG A 164 9.96 7.02 8.21
C ARG A 164 10.44 5.61 8.47
N ASN A 165 9.57 4.62 8.27
CA ASN A 165 9.87 3.21 8.49
C ASN A 165 10.46 2.52 7.26
N ILE A 166 10.52 3.19 6.11
CA ILE A 166 11.07 2.59 4.89
C ILE A 166 12.45 1.96 5.15
N PRO A 167 13.36 2.70 5.81
CA PRO A 167 14.66 2.05 6.07
C PRO A 167 14.63 0.78 6.90
N SER A 168 13.56 0.53 7.68
CA SER A 168 13.48 -0.69 8.46
C SER A 168 12.73 -1.80 7.74
N ILE A 169 11.76 -1.43 6.92
CA ILE A 169 10.88 -2.34 6.25
C ILE A 169 11.60 -2.97 5.08
N THR A 170 12.40 -2.18 4.38
CA THR A 170 13.07 -2.70 3.17
C THR A 170 13.87 -4.02 3.40
N PRO A 171 14.83 -4.02 4.33
CA PRO A 171 15.64 -5.22 4.61
C PRO A 171 14.81 -6.44 4.97
N ILE A 172 13.72 -6.23 5.74
CA ILE A 172 12.78 -7.37 6.06
C ILE A 172 12.14 -7.91 4.80
N LEU A 173 11.55 -7.02 3.98
CA LEU A 173 10.82 -7.48 2.80
C LEU A 173 11.79 -8.10 1.76
N VAL A 174 13.02 -7.62 1.68
CA VAL A 174 14.02 -8.20 0.79
C VAL A 174 14.38 -9.60 1.15
N ARG A 175 14.57 -9.86 2.44
CA ARG A 175 14.82 -11.23 2.83
C ARG A 175 13.60 -12.13 2.66
N GLN A 176 12.42 -11.57 2.86
CA GLN A 176 11.16 -12.30 2.67
C GLN A 176 10.98 -12.72 1.20
N LEU A 177 11.38 -11.86 0.27
CA LEU A 177 11.11 -12.09 -1.13
C LEU A 177 12.19 -12.83 -1.91
N LEU A 178 13.44 -12.74 -1.46
CA LEU A 178 14.56 -13.35 -2.15
C LEU A 178 14.48 -14.85 -1.88
N PRO A 179 14.75 -15.64 -2.90
CA PRO A 179 14.93 -17.10 -2.63
C PRO A 179 15.98 -17.28 -1.55
N ASP A 180 15.84 -18.33 -0.75
CA ASP A 180 16.70 -18.57 0.42
C ASP A 180 18.16 -18.73 0.03
N GLU A 181 18.33 -19.43 -1.07
CA GLU A 181 19.65 -19.71 -1.61
C GLU A 181 20.27 -18.36 -2.11
N GLY A 182 19.44 -17.47 -2.63
CA GLY A 182 19.91 -16.14 -3.09
C GLY A 182 20.46 -15.29 -1.97
N PHE A 183 19.72 -15.24 -0.86
CA PHE A 183 20.12 -14.45 0.31
C PHE A 183 21.35 -15.07 0.95
N LEU A 184 21.40 -16.40 1.00
CA LEU A 184 22.57 -17.08 1.53
C LEU A 184 23.82 -16.75 0.72
N TRP A 185 23.70 -16.72 -0.60
CA TRP A 185 24.83 -16.40 -1.47
C TRP A 185 25.30 -14.97 -1.25
N LEU A 186 24.37 -14.03 -1.06
CA LEU A 186 24.77 -12.64 -0.80
C LEU A 186 25.58 -12.53 0.50
N THR A 187 25.15 -13.28 1.53
CA THR A 187 25.81 -13.29 2.84
C THR A 187 27.18 -13.98 2.84
N SER A 188 27.49 -14.79 1.80
CA SER A 188 28.81 -15.42 1.63
C SER A 188 29.94 -14.45 1.30
N ASP A 189 29.65 -13.23 0.87
CA ASP A 189 30.73 -12.23 0.80
C ASP A 189 30.29 -10.99 1.55
N MET A 190 30.96 -10.67 2.65
CA MET A 190 30.60 -9.52 3.51
C MET A 190 30.79 -8.13 2.87
N ARG A 191 31.82 -7.95 2.06
CA ARG A 191 31.90 -6.67 1.35
C ARG A 191 30.78 -6.46 0.32
N VAL A 192 30.47 -7.46 -0.49
CA VAL A 192 29.34 -7.34 -1.40
C VAL A 192 28.05 -7.12 -0.60
N PHE A 193 27.81 -7.98 0.39
CA PHE A 193 26.62 -7.88 1.26
C PHE A 193 26.51 -6.45 1.81
N SER A 194 27.61 -5.93 2.32
CA SER A 194 27.59 -4.57 2.87
C SER A 194 27.15 -3.55 1.82
N ASP A 195 27.77 -3.61 0.64
CA ASP A 195 27.43 -2.65 -0.42
C ASP A 195 26.01 -2.86 -0.93
N TRP A 196 25.50 -4.08 -0.92
CA TRP A 196 24.12 -4.38 -1.32
C TRP A 196 23.15 -3.73 -0.33
N MET A 197 23.37 -3.96 0.96
CA MET A 197 22.53 -3.35 2.00
CA MET A 197 22.50 -3.35 1.98
C MET A 197 22.56 -1.83 1.90
N GLN A 198 23.74 -1.24 1.61
CA GLN A 198 23.82 0.23 1.45
C GLN A 198 23.03 0.73 0.24
N ALA A 199 23.16 0.03 -0.89
CA ALA A 199 22.36 0.29 -2.07
C ALA A 199 20.85 0.29 -1.79
N LEU A 200 20.39 -0.72 -1.05
CA LEU A 200 18.97 -0.83 -0.68
C LEU A 200 18.45 0.32 0.16
N ARG A 201 19.37 1.13 0.71
CA ARG A 201 19.02 2.24 1.60
C ARG A 201 18.82 3.58 0.87
N ASP A 202 19.11 3.63 -0.43
CA ASP A 202 18.63 4.74 -1.26
C ASP A 202 19.09 6.07 -0.58
N ASP A 203 18.17 7.01 -0.38
CA ASP A 203 18.40 8.22 0.39
C ASP A 203 19.42 8.00 1.53
N GLY A 209 29.64 2.71 -1.36
CA GLY A 209 29.40 1.38 -1.90
C GLY A 209 29.53 1.32 -3.42
N ARG A 210 30.01 0.21 -3.92
CA ARG A 210 30.26 0.04 -5.34
C ARG A 210 29.04 0.25 -6.26
N PHE A 211 27.81 0.16 -5.74
CA PHE A 211 26.65 0.27 -6.62
C PHE A 211 25.99 1.64 -6.59
N GLU A 212 26.45 2.51 -5.70
CA GLU A 212 25.82 3.82 -5.50
C GLU A 212 25.86 4.65 -6.80
N HIS A 213 26.91 4.51 -7.59
CA HIS A 213 27.03 5.40 -8.74
C HIS A 213 25.99 5.05 -9.83
N VAL A 214 25.89 3.79 -10.21
CA VAL A 214 24.98 3.38 -11.27
C VAL A 214 23.52 3.62 -10.86
N LEU A 215 23.21 3.37 -9.60
CA LEU A 215 21.87 3.60 -9.07
C LEU A 215 21.52 5.06 -9.07
N GLN A 216 22.52 5.90 -8.83
CA GLN A 216 22.31 7.34 -8.99
C GLN A 216 22.04 7.74 -10.45
N LEU A 217 22.88 7.29 -11.37
CA LEU A 217 22.67 7.49 -12.81
C LEU A 217 21.24 7.10 -13.19
N PHE A 218 20.78 5.95 -12.68
CA PHE A 218 19.42 5.57 -12.98
C PHE A 218 18.43 6.61 -12.56
N LYS A 219 18.55 7.07 -11.33
CA LYS A 219 17.66 8.09 -10.76
C LYS A 219 17.72 9.45 -11.52
N HIS A 220 18.83 9.76 -12.15
CA HIS A 220 18.93 11.03 -12.88
C HIS A 220 18.79 10.84 -14.40
N LYS A 221 18.35 9.65 -14.77
CA LYS A 221 18.10 9.22 -16.14
C LYS A 221 19.32 9.33 -17.05
N ASN A 222 20.49 9.06 -16.49
CA ASN A 222 21.78 9.16 -17.16
C ASN A 222 22.40 7.82 -17.47
N ILE A 223 21.57 6.78 -17.50
CA ILE A 223 22.00 5.39 -17.66
C ILE A 223 21.82 4.87 -19.10
N ASP A 224 22.79 4.10 -19.56
CA ASP A 224 22.69 3.39 -20.82
C ASP A 224 21.82 2.12 -20.65
N GLY A 225 20.62 2.12 -21.22
CA GLY A 225 19.66 1.03 -20.95
C GLY A 225 19.51 -0.03 -22.03
N LEU A 226 19.20 -1.26 -21.64
CA LEU A 226 18.76 -2.29 -22.58
C LEU A 226 17.30 -2.09 -22.90
N PHE A 227 16.56 -1.58 -21.91
CA PHE A 227 15.11 -1.44 -22.05
C PHE A 227 14.70 0.00 -21.82
N ASN A 228 13.95 0.55 -22.76
CA ASN A 228 13.50 1.94 -22.70
C ASN A 228 12.27 2.06 -21.86
N THR A 229 11.38 1.10 -22.02
CA THR A 229 10.06 1.24 -21.51
C THR A 229 9.51 -0.20 -21.25
N LEU A 230 8.49 -0.29 -20.39
CA LEU A 230 7.79 -1.55 -20.22
C LEU A 230 6.30 -1.25 -20.34
N PRO A 231 5.52 -2.21 -20.84
CA PRO A 231 4.11 -1.93 -21.08
C PRO A 231 3.33 -1.81 -19.79
N ALA A 232 2.27 -1.03 -19.78
CA ALA A 232 1.40 -1.00 -18.62
C ALA A 232 0.12 -1.66 -19.10
N LEU A 233 -0.11 -2.89 -18.65
CA LEU A 233 -1.26 -3.63 -19.13
C LEU A 233 -2.53 -2.94 -18.63
N PRO A 234 -3.63 -3.09 -19.38
CA PRO A 234 -4.85 -2.40 -18.94
C PRO A 234 -5.46 -3.13 -17.76
N VAL A 235 -5.86 -2.38 -16.74
CA VAL A 235 -6.41 -2.96 -15.53
C VAL A 235 -7.92 -2.65 -15.56
N ASN A 236 -8.75 -3.69 -15.56
CA ASN A 236 -10.21 -3.50 -15.44
C ASN A 236 -10.61 -3.21 -13.99
N LEU A 237 -10.56 -1.94 -13.61
CA LEU A 237 -11.04 -1.51 -12.32
C LEU A 237 -12.55 -1.64 -12.30
N GLN A 238 -13.12 -2.06 -11.17
CA GLN A 238 -14.55 -2.30 -11.11
C GLN A 238 -15.20 -1.51 -10.02
N ASP A 239 -16.50 -1.28 -10.18
CA ASP A 239 -17.25 -0.47 -9.22
C ASP A 239 -17.40 -1.25 -7.94
N SER A 240 -17.75 -0.55 -6.87
CA SER A 240 -17.89 -1.17 -5.57
C SER A 240 -19.28 -0.87 -5.04
N PRO A 241 -20.31 -1.53 -5.65
CA PRO A 241 -21.72 -1.17 -5.31
C PRO A 241 -22.07 -1.29 -3.84
N ALA A 242 -21.55 -2.32 -3.15
CA ALA A 242 -21.87 -2.51 -1.72
C ALA A 242 -21.22 -1.47 -0.80
N THR A 243 -20.38 -0.57 -1.32
CA THR A 243 -19.79 0.46 -0.48
C THR A 243 -19.87 1.88 -1.01
N ALA A 244 -20.52 2.10 -2.14
CA ALA A 244 -20.32 3.35 -2.88
C ALA A 244 -20.62 4.63 -2.08
N HIS A 245 -21.69 4.60 -1.27
CA HIS A 245 -22.04 5.79 -0.51
C HIS A 245 -21.05 5.99 0.62
N ALA A 246 -20.66 4.88 1.25
CA ALA A 246 -19.56 4.91 2.20
C ALA A 246 -18.23 5.41 1.60
N ASP A 247 -17.92 5.06 0.35
CA ASP A 247 -16.72 5.65 -0.29
C ASP A 247 -16.85 7.19 -0.44
N ALA A 248 -18.00 7.67 -0.86
CA ALA A 248 -18.19 9.12 -0.99
C ALA A 248 -18.13 9.80 0.39
N PHE A 249 -18.72 9.18 1.40
CA PHE A 249 -18.61 9.63 2.79
C PHE A 249 -17.15 9.78 3.19
N LEU A 250 -16.36 8.76 2.91
CA LEU A 250 -14.98 8.74 3.40
C LEU A 250 -14.18 9.83 2.71
N ASN A 251 -14.32 9.92 1.40
CA ASN A 251 -13.61 10.95 0.66
C ASN A 251 -13.99 12.33 1.21
N TRP A 252 -15.30 12.55 1.42
CA TRP A 252 -15.74 13.82 2.03
C TRP A 252 -15.13 14.09 3.42
N LEU A 253 -15.10 13.06 4.26
CA LEU A 253 -14.59 13.19 5.63
C LEU A 253 -13.11 13.56 5.61
N LYS A 254 -12.39 12.96 4.67
CA LYS A 254 -10.96 13.25 4.51
C LYS A 254 -10.66 14.70 4.12
N GLU A 255 -11.38 15.22 3.14
CA GLU A 255 -11.23 16.62 2.73
C GLU A 255 -11.60 17.57 3.85
N ALA A 256 -12.76 17.33 4.48
CA ALA A 256 -13.23 18.19 5.57
C ALA A 256 -12.29 18.20 6.79
N LEU A 257 -11.71 17.05 7.13
CA LEU A 257 -10.67 17.03 8.18
C LEU A 257 -9.41 17.77 7.67
N ALA A 258 -9.05 17.55 6.41
CA ALA A 258 -7.86 18.18 5.85
C ALA A 258 -7.93 19.72 5.83
N THR A 259 -9.14 20.30 5.89
CA THR A 259 -9.33 21.77 5.92
C THR A 259 -10.11 22.26 7.16
N ASN A 260 -9.92 21.59 8.31
CA ASN A 260 -10.56 21.95 9.61
C ASN A 260 -12.07 22.28 9.62
N GLN A 261 -12.82 21.59 8.76
CA GLN A 261 -14.25 21.86 8.62
C GLN A 261 -15.08 21.09 9.66
N ILE A 262 -14.40 20.30 10.49
CA ILE A 262 -15.10 19.43 11.41
C ILE A 262 -14.55 19.58 12.82
N LYS A 263 -15.47 19.81 13.75
CA LYS A 263 -15.14 19.78 15.17
C LYS A 263 -14.65 18.35 15.46
N VAL A 264 -13.46 18.24 16.07
CA VAL A 264 -13.03 16.95 16.64
C VAL A 264 -12.62 17.15 18.11
N ASN A 265 -13.01 16.19 18.95
CA ASN A 265 -12.67 16.13 20.38
C ASN A 265 -13.51 17.02 21.29
N THR A 266 -14.39 17.85 20.72
CA THR A 266 -15.28 18.70 21.55
C THR A 266 -16.56 17.92 21.90
N SER A 267 -17.42 18.54 22.71
CA SER A 267 -18.74 17.95 23.01
C SER A 267 -19.59 17.88 21.75
N ASP A 268 -19.63 18.99 21.01
CA ASP A 268 -20.48 19.13 19.82
C ASP A 268 -20.14 18.13 18.67
N ALA A 269 -18.85 17.84 18.50
CA ALA A 269 -18.36 17.07 17.33
C ALA A 269 -18.67 15.57 17.32
N GLY A 270 -18.80 15.01 16.12
CA GLY A 270 -19.04 13.59 15.91
C GLY A 270 -17.78 12.77 15.58
N VAL A 271 -16.61 13.38 15.75
CA VAL A 271 -15.33 12.70 15.55
C VAL A 271 -14.46 12.93 16.79
N HIS A 272 -13.93 11.85 17.37
CA HIS A 272 -13.04 11.95 18.54
C HIS A 272 -11.77 11.11 18.33
N VAL A 273 -10.61 11.66 18.67
CA VAL A 273 -9.36 10.88 18.70
C VAL A 273 -9.08 10.49 20.14
N ILE A 274 -9.01 9.20 20.37
CA ILE A 274 -8.58 8.67 21.65
C ILE A 274 -7.33 7.82 21.43
N PRO A 275 -6.60 7.46 22.49
CA PRO A 275 -5.40 6.67 22.21
C PRO A 275 -5.68 5.41 21.34
N GLU A 276 -6.88 4.87 21.43
CA GLU A 276 -7.20 3.65 20.68
C GLU A 276 -7.58 3.89 19.22
N GLY A 277 -7.58 5.13 18.76
CA GLY A 277 -7.90 5.44 17.37
C GLY A 277 -8.91 6.55 17.15
N VAL A 278 -9.44 6.64 15.95
CA VAL A 278 -10.44 7.63 15.62
C VAL A 278 -11.83 7.03 15.70
N PHE A 279 -12.68 7.69 16.49
CA PHE A 279 -14.08 7.34 16.68
C PHE A 279 -15.00 8.18 15.83
N LEU A 280 -15.89 7.49 15.11
CA LEU A 280 -16.87 8.16 14.25
C LEU A 280 -18.27 7.85 14.74
N GLU A 281 -18.91 8.85 15.31
CA GLU A 281 -20.22 8.68 15.92
C GLU A 281 -21.32 8.67 14.87
N LYS A 282 -22.16 7.66 14.95
CA LYS A 282 -23.24 7.48 13.97
C LYS A 282 -24.10 8.71 13.85
N THR A 283 -24.79 9.07 14.92
CA THR A 283 -25.71 10.21 14.87
C THR A 283 -24.95 11.53 15.04
N GLY A 284 -23.67 11.51 14.70
CA GLY A 284 -22.82 12.70 14.70
C GLY A 284 -22.34 12.91 13.28
N ILE A 285 -21.10 12.50 13.01
CA ILE A 285 -20.43 12.80 11.73
C ILE A 285 -21.14 12.24 10.47
N PHE A 286 -21.79 11.09 10.60
CA PHE A 286 -22.57 10.52 9.51
C PHE A 286 -23.84 11.36 9.25
N LYS A 287 -24.52 11.77 10.30
CA LYS A 287 -25.72 12.59 10.15
C LYS A 287 -25.36 13.98 9.58
N GLN A 288 -24.26 14.55 10.06
CA GLN A 288 -23.76 15.83 9.56
C GLN A 288 -23.57 15.79 8.05
N TYR A 289 -22.99 14.68 7.57
CA TYR A 289 -22.76 14.47 6.14
C TYR A 289 -24.06 14.42 5.37
N ILE A 290 -25.02 13.63 5.86
CA ILE A 290 -26.37 13.58 5.29
C ILE A 290 -26.95 14.99 5.21
N ASP A 291 -26.93 15.68 6.34
CA ASP A 291 -27.58 16.99 6.44
C ASP A 291 -26.83 18.11 5.69
N LEU A 292 -25.53 17.91 5.40
CA LEU A 292 -24.81 18.86 4.54
C LEU A 292 -25.17 18.66 3.06
N HIS A 293 -25.44 17.42 2.67
CA HIS A 293 -25.61 17.02 1.25
C HIS A 293 -27.07 16.70 0.87
N VAL A 294 -27.90 17.75 0.80
CA VAL A 294 -29.35 17.61 0.53
C VAL A 294 -29.73 17.05 -0.85
N ASN A 295 -28.78 16.94 -1.79
CA ASN A 295 -29.08 16.42 -3.15
C ASN A 295 -28.59 14.97 -3.45
N VAL A 296 -27.95 14.31 -2.49
CA VAL A 296 -27.51 12.92 -2.65
C VAL A 296 -28.51 11.91 -2.06
N PRO A 297 -28.98 10.95 -2.87
CA PRO A 297 -30.09 10.07 -2.47
C PRO A 297 -29.78 8.89 -1.54
N VAL A 298 -29.45 9.20 -0.28
CA VAL A 298 -29.18 8.15 0.70
C VAL A 298 -29.60 8.53 2.14
N ASN A 299 -30.12 7.57 2.88
CA ASN A 299 -30.42 7.80 4.29
C ASN A 299 -29.22 7.39 5.17
N LEU A 300 -29.16 7.99 6.35
CA LEU A 300 -28.19 7.64 7.36
C LEU A 300 -28.02 6.13 7.46
N PHE A 301 -29.13 5.38 7.51
CA PHE A 301 -29.06 3.92 7.64
C PHE A 301 -28.16 3.33 6.58
N THR A 302 -28.36 3.73 5.32
CA THR A 302 -27.56 3.11 4.25
C THR A 302 -26.11 3.53 4.27
N VAL A 303 -25.81 4.80 4.55
CA VAL A 303 -24.42 5.24 4.56
C VAL A 303 -23.69 4.52 5.67
N TYR A 304 -24.33 4.38 6.83
CA TYR A 304 -23.69 3.76 7.98
C TYR A 304 -23.47 2.27 7.74
N GLN A 305 -24.47 1.62 7.17
CA GLN A 305 -24.36 0.21 6.85
C GLN A 305 -23.24 -0.04 5.86
N GLN A 306 -23.15 0.82 4.85
CA GLN A 306 -22.15 0.67 3.82
C GLN A 306 -20.75 0.92 4.35
N PHE A 307 -20.63 1.81 5.33
CA PHE A 307 -19.38 2.00 6.02
C PHE A 307 -18.97 0.69 6.74
N GLY A 308 -19.94 0.08 7.39
CA GLY A 308 -19.78 -1.29 7.93
C GLY A 308 -19.29 -2.27 6.89
N ASN A 309 -19.89 -2.28 5.70
CA ASN A 309 -19.42 -3.12 4.59
C ASN A 309 -17.95 -2.81 4.17
N LEU A 310 -17.61 -1.52 4.13
CA LEU A 310 -16.32 -1.05 3.70
C LEU A 310 -15.20 -1.48 4.66
N PHE A 311 -15.41 -1.32 5.97
CA PHE A 311 -14.40 -1.65 6.96
C PHE A 311 -14.54 -2.98 7.70
N GLY A 312 -15.34 -3.91 7.16
CA GLY A 312 -15.53 -5.20 7.76
C GLY A 312 -16.06 -5.21 9.19
N LEU A 313 -16.99 -4.31 9.53
CA LEU A 313 -17.49 -4.26 10.92
C LEU A 313 -18.17 -5.52 11.43
N THR A 314 -18.69 -6.35 10.52
CA THR A 314 -19.29 -7.66 10.89
C THR A 314 -18.31 -8.83 10.73
N LYS A 315 -17.10 -8.55 10.26
CA LYS A 315 -16.11 -9.62 10.02
C LYS A 315 -15.07 -9.68 11.12
N LEU A 316 -14.85 -10.84 11.69
CA LEU A 316 -13.85 -10.98 12.76
C LEU A 316 -12.43 -10.71 12.28
N SER A 317 -12.17 -10.83 10.97
CA SER A 317 -10.85 -10.53 10.42
C SER A 317 -10.53 -9.02 10.45
N GLY A 318 -11.56 -8.19 10.50
CA GLY A 318 -11.37 -6.75 10.51
C GLY A 318 -11.13 -6.19 11.89
N ILE A 319 -10.08 -6.67 12.56
CA ILE A 319 -9.84 -6.38 13.98
C ILE A 319 -9.55 -4.89 14.25
N ASP A 320 -9.11 -4.13 13.24
CA ASP A 320 -8.78 -2.71 13.42
C ASP A 320 -9.97 -1.78 13.38
N TYR A 321 -11.14 -2.32 13.06
CA TYR A 321 -12.35 -1.51 12.79
C TYR A 321 -13.51 -2.14 13.56
N ARG A 322 -14.05 -1.44 14.52
CA ARG A 322 -15.06 -2.09 15.34
C ARG A 322 -16.10 -1.13 15.82
N PHE A 323 -17.27 -1.70 16.11
CA PHE A 323 -18.33 -0.98 16.80
C PHE A 323 -17.89 -0.72 18.22
N GLU A 324 -17.98 0.55 18.63
CA GLU A 324 -17.68 0.94 20.02
C GLU A 324 -18.72 1.85 20.66
N GLN A 325 -18.62 2.01 21.97
CA GLN A 325 -19.39 3.03 22.69
C GLN A 325 -18.49 3.71 23.71
N LEU A 326 -18.56 5.04 23.75
CA LEU A 326 -17.72 5.86 24.62
C LEU A 326 -18.58 6.62 25.64
N PHE A 327 -17.98 7.09 26.75
CA PHE A 327 -18.73 7.75 27.84
C PHE A 327 -18.11 9.07 28.26
N ASP A 332 -22.04 15.72 32.92
CA ASP A 332 -21.60 16.74 31.96
C ASP A 332 -22.45 16.86 30.70
N ALA A 333 -22.59 15.79 29.89
CA ALA A 333 -23.35 15.92 28.62
C ALA A 333 -24.85 16.01 28.95
N LEU A 334 -25.31 15.13 29.83
CA LEU A 334 -26.71 15.12 30.21
C LEU A 334 -27.12 16.40 30.97
N LYS A 335 -26.26 16.87 31.87
CA LYS A 335 -26.58 18.11 32.61
C LYS A 335 -26.65 19.29 31.64
N ARG A 336 -25.78 19.29 30.65
CA ARG A 336 -25.80 20.29 29.61
C ARG A 336 -27.13 20.35 28.86
N LYS A 337 -27.62 19.18 28.42
CA LYS A 337 -28.93 19.12 27.78
C LYS A 337 -30.08 19.48 28.73
N SER A 338 -29.90 19.37 30.04
CA SER A 338 -30.94 19.79 30.98
C SER A 338 -31.01 21.28 31.18
N LYS A 339 -29.88 21.98 31.13
CA LYS A 339 -29.85 23.42 31.31
C LYS A 339 -30.04 24.17 30.00
N MET A 340 -29.48 23.65 28.90
CA MET A 340 -29.50 24.34 27.60
C MET A 340 -30.54 23.80 26.59
N GLY A 341 -31.11 22.62 26.84
CA GLY A 341 -32.12 22.01 25.94
C GLY A 341 -33.43 21.72 26.67
N PHE A 342 -34.00 20.55 26.40
CA PHE A 342 -35.28 20.11 27.01
C PHE A 342 -35.24 18.78 27.77
N ALA A 343 -34.04 18.23 27.99
CA ALA A 343 -33.89 16.97 28.73
C ALA A 343 -34.54 17.06 30.10
N GLY A 344 -34.59 18.26 30.67
CA GLY A 344 -35.27 18.50 31.96
C GLY A 344 -36.73 18.05 32.00
N LEU A 345 -37.40 18.12 30.86
CA LEU A 345 -38.75 17.54 30.71
C LEU A 345 -38.68 16.01 30.70
N SER A 352 -29.21 8.19 28.28
CA SER A 352 -27.92 7.51 28.16
C SER A 352 -26.81 8.53 27.97
N PRO A 353 -25.65 8.33 28.63
CA PRO A 353 -24.48 9.20 28.41
C PRO A 353 -23.72 8.79 27.13
N THR A 354 -23.67 7.48 26.88
CA THR A 354 -22.86 6.85 25.85
C THR A 354 -23.07 7.40 24.45
N ARG A 355 -21.99 7.40 23.65
CA ARG A 355 -22.06 7.80 22.25
C ARG A 355 -21.73 6.56 21.39
N GLU A 356 -22.45 6.41 20.30
CA GLU A 356 -22.47 5.16 19.55
C GLU A 356 -21.74 5.37 18.23
N GLY A 357 -20.84 4.45 17.88
CA GLY A 357 -20.16 4.56 16.58
C GLY A 357 -19.06 3.57 16.23
N VAL A 358 -18.23 3.97 15.29
CA VAL A 358 -17.21 3.10 14.73
C VAL A 358 -15.84 3.58 15.16
N LEU A 359 -15.02 2.70 15.71
CA LEU A 359 -13.64 3.03 15.99
C LEU A 359 -12.71 2.46 14.92
N ILE A 360 -11.91 3.33 14.32
CA ILE A 360 -10.85 2.91 13.38
C ILE A 360 -9.50 3.01 14.10
N ALA A 361 -8.85 1.86 14.26
CA ALA A 361 -7.63 1.81 15.09
C ALA A 361 -6.49 2.70 14.59
N ASP A 362 -6.35 2.86 13.27
CA ASP A 362 -5.22 3.60 12.69
C ASP A 362 -5.78 4.85 12.06
N PRO A 363 -5.74 5.98 12.81
CA PRO A 363 -6.14 7.27 12.26
C PRO A 363 -5.40 7.69 10.99
N ASN A 364 -4.23 7.11 10.68
CA ASN A 364 -3.55 7.46 9.41
C ASN A 364 -4.31 7.07 8.13
N LEU A 365 -5.39 6.30 8.26
CA LEU A 365 -6.30 6.03 7.17
C LEU A 365 -7.41 7.10 7.02
N ILE A 366 -7.48 8.05 7.95
CA ILE A 366 -8.54 9.08 7.98
C ILE A 366 -7.90 10.49 7.83
N PHE A 367 -6.93 10.76 8.69
CA PHE A 367 -6.11 11.95 8.55
C PHE A 367 -4.96 11.70 7.61
N THR A 368 -5.22 11.75 6.32
CA THR A 368 -4.21 11.35 5.36
C THR A 368 -3.43 12.53 4.78
N ARG A 369 -3.76 13.74 5.22
CA ARG A 369 -3.15 14.90 4.61
C ARG A 369 -2.91 15.99 5.61
N GLY A 370 -2.68 15.63 6.87
CA GLY A 370 -2.25 16.59 7.89
C GLY A 370 -1.95 15.82 9.16
N GLU A 371 -1.78 16.53 10.28
CA GLU A 371 -1.37 15.89 11.54
C GLU A 371 -2.54 15.20 12.20
N ILE A 372 -2.28 14.05 12.85
CA ILE A 372 -3.29 13.43 13.70
C ILE A 372 -3.51 14.29 14.95
N PRO A 373 -4.76 14.73 15.18
CA PRO A 373 -4.97 15.43 16.45
C PRO A 373 -4.55 14.59 17.67
N SER A 374 -4.19 15.28 18.74
CA SER A 374 -3.87 14.63 20.00
C SER A 374 -5.11 14.00 20.59
N ALA A 375 -4.94 12.86 21.28
CA ALA A 375 -6.01 12.30 22.07
C ALA A 375 -6.42 13.31 23.16
N THR A 376 -7.73 13.59 23.26
CA THR A 376 -8.24 14.59 24.24
C THR A 376 -9.73 14.43 24.47
N TYR A 378 -11.72 13.63 26.39
CA TYR A 378 -12.95 13.74 27.17
C TYR A 378 -13.63 12.38 27.29
N LEU A 379 -13.99 11.78 26.16
CA LEU A 379 -14.65 10.47 26.12
C LEU A 379 -13.64 9.31 26.23
N LYS A 380 -14.05 8.22 26.89
CA LYS A 380 -13.20 7.02 27.09
C LYS A 380 -14.02 5.71 26.95
N LEU A 381 -13.34 4.56 26.98
CA LEU A 381 -14.03 3.28 26.79
C LEU A 381 -14.75 2.81 28.06
#